data_7XRU
#
_entry.id   7XRU
#
_cell.length_a   51.350
_cell.length_b   113.780
_cell.length_c   179.810
_cell.angle_alpha   90.000
_cell.angle_beta   90.000
_cell.angle_gamma   90.000
#
_symmetry.space_group_name_H-M   'C 2 2 21'
#
loop_
_entity.id
_entity.type
_entity.pdbx_description
1 polymer 'SQHop_cyclase_C domain-containing protein'
2 non-polymer '(2E,6E)-2-fluoro-3,7,11-trimethyldodeca-2,6,10-trien-1-yl trihydrogen diphosphate'
3 non-polymer 'MAGNESIUM ION'
4 water water
#
_entity_poly.entity_id   1
_entity_poly.type   'polypeptide(L)'
_entity_poly.pdbx_seq_one_letter_code
;HHHHHHATAVVRCRTRLARRVVAAVGPDGLLPAPCESRVLESALALALLTEERAEADATARLTAYLRTTLRTAPPDPFQC
AVARAVLGGAGERGERVGDEGDMDAGTALDAGLDGFDHFTAGRKRLMFRTVLAALGATGFPAVPWEAYDTRPQQSWLHME
MKALKVLAAHGTGHPDVVRDEDWRALLPALEPGPAWECNNLAQLLALLALRHSPRHRPALGDVLKHVAGRLRPDGGMPFI
DGMTVFTTAAAGLALSLLPAPPACVTPMADALALRRNPDGGYGFHSGVAQSDVEDTCYVLEFLRRAAPDRHRTAVAEAEG
YLLALRNPDGGFPTFARGTSSEIAMTAAAASALAHDPDRREEVDEAVRYVVRHQRPDGTFERSWSRNATNAVFRAVLALT
GVAAHGEERRSRARAAERALAHLAATQNGDGGWGHAEAEPSDPISTAYAVIALARGPRARPGGPLDRALAYLVERQHPDG
GYRSRPDQAGPRPLLYDVPALADVFVLLALAHAT
;
_entity_poly.pdbx_strand_id   A
#
# COMPACT_ATOMS: atom_id res chain seq x y z
N ALA A 7 -22.11 -21.92 -18.17
CA ALA A 7 -22.38 -21.22 -16.91
C ALA A 7 -22.57 -19.73 -17.17
N THR A 8 -22.77 -18.98 -16.09
CA THR A 8 -23.09 -17.57 -16.22
C THR A 8 -21.93 -16.78 -16.82
N ALA A 9 -22.23 -15.56 -17.27
CA ALA A 9 -21.19 -14.67 -17.77
C ALA A 9 -20.19 -14.31 -16.68
N VAL A 10 -20.63 -14.28 -15.43
CA VAL A 10 -19.70 -14.01 -14.33
C VAL A 10 -18.70 -15.14 -14.19
N VAL A 11 -19.19 -16.38 -14.15
CA VAL A 11 -18.29 -17.54 -14.05
C VAL A 11 -17.34 -17.59 -15.23
N ARG A 12 -17.83 -17.31 -16.43
CA ARG A 12 -16.96 -17.28 -17.61
C ARG A 12 -15.91 -16.18 -17.48
N CYS A 13 -16.31 -15.03 -16.93
CA CYS A 13 -15.34 -13.97 -16.67
C CYS A 13 -14.34 -14.40 -15.61
N ARG A 14 -14.83 -15.01 -14.53
CA ARG A 14 -13.95 -15.53 -13.48
C ARG A 14 -12.92 -16.50 -14.06
N THR A 15 -13.38 -17.43 -14.91
CA THR A 15 -12.50 -18.45 -15.44
C THR A 15 -11.38 -17.85 -16.29
N ARG A 16 -11.74 -16.97 -17.24
CA ARG A 16 -10.73 -16.34 -18.07
C ARG A 16 -9.71 -15.58 -17.23
N LEU A 17 -10.18 -14.85 -16.22
CA LEU A 17 -9.27 -14.09 -15.35
C LEU A 17 -8.37 -15.02 -14.56
N ALA A 18 -8.90 -16.17 -14.12
CA ALA A 18 -8.08 -17.08 -13.32
C ALA A 18 -6.98 -17.72 -14.16
N ARG A 19 -7.28 -18.07 -15.41
CA ARG A 19 -6.24 -18.57 -16.30
C ARG A 19 -5.13 -17.54 -16.46
N ARG A 20 -5.50 -16.27 -16.58
CA ARG A 20 -4.49 -15.21 -16.72
C ARG A 20 -3.63 -15.11 -15.47
N VAL A 21 -4.27 -15.11 -14.29
CA VAL A 21 -3.53 -14.99 -13.04
C VAL A 21 -2.62 -16.20 -12.84
N VAL A 22 -3.13 -17.40 -13.10
CA VAL A 22 -2.30 -18.60 -12.96
C VAL A 22 -1.09 -18.51 -13.88
N ALA A 23 -1.31 -18.16 -15.15
CA ALA A 23 -0.22 -18.08 -16.12
C ALA A 23 0.84 -17.07 -15.72
N ALA A 24 0.49 -16.08 -14.89
CA ALA A 24 1.45 -15.06 -14.49
C ALA A 24 2.34 -15.51 -13.34
N VAL A 25 1.90 -16.49 -12.55
CA VAL A 25 2.76 -17.03 -11.50
C VAL A 25 3.99 -17.66 -12.14
N GLY A 26 5.16 -17.27 -11.67
CA GLY A 26 6.40 -17.81 -12.17
C GLY A 26 6.70 -19.17 -11.59
N PRO A 27 7.63 -19.87 -12.23
CA PRO A 27 8.05 -21.18 -11.70
C PRO A 27 8.58 -21.09 -10.28
N ASP A 28 9.03 -19.93 -9.84
CA ASP A 28 9.48 -19.73 -8.47
C ASP A 28 8.32 -19.55 -7.50
N GLY A 29 7.09 -19.61 -7.96
CA GLY A 29 5.93 -19.44 -7.11
C GLY A 29 5.53 -18.02 -6.84
N LEU A 30 6.07 -17.05 -7.57
CA LEU A 30 5.79 -15.64 -7.32
C LEU A 30 5.08 -15.01 -8.51
N LEU A 31 4.11 -14.13 -8.21
CA LEU A 31 3.47 -13.33 -9.24
C LEU A 31 4.21 -12.00 -9.32
N PRO A 32 4.95 -11.74 -10.39
CA PRO A 32 5.72 -10.49 -10.48
C PRO A 32 4.81 -9.29 -10.36
N ALA A 33 5.24 -8.31 -9.57
CA ALA A 33 4.45 -7.12 -9.25
C ALA A 33 5.33 -5.89 -9.25
N PRO A 34 5.90 -5.53 -10.39
CA PRO A 34 6.71 -4.31 -10.45
C PRO A 34 5.85 -3.07 -10.26
N CYS A 35 6.48 -2.00 -9.76
CA CYS A 35 5.83 -0.72 -9.58
C CYS A 35 6.19 0.23 -10.72
N GLU A 36 5.22 1.02 -11.16
CA GLU A 36 5.44 1.94 -12.25
C GLU A 36 6.24 3.16 -11.78
N SER A 37 6.77 3.89 -12.75
CA SER A 37 7.47 5.14 -12.44
C SER A 37 6.52 6.10 -11.74
N ARG A 38 7.07 6.92 -10.86
CA ARG A 38 6.30 7.95 -10.19
C ARG A 38 7.01 9.29 -10.32
N VAL A 39 6.22 10.35 -10.46
CA VAL A 39 6.78 11.68 -10.66
C VAL A 39 7.67 12.07 -9.50
N LEU A 40 7.19 11.85 -8.27
CA LEU A 40 7.91 12.31 -7.09
C LEU A 40 9.33 11.77 -7.06
N GLU A 41 9.50 10.45 -7.20
CA GLU A 41 10.83 9.85 -7.14
C GLU A 41 11.66 10.17 -8.38
N SER A 42 11.02 10.27 -9.55
CA SER A 42 11.75 10.68 -10.74
C SER A 42 12.28 12.11 -10.58
N ALA A 43 11.49 12.99 -9.96
CA ALA A 43 11.94 14.35 -9.71
C ALA A 43 13.10 14.36 -8.72
N LEU A 44 12.96 13.66 -7.60
CA LEU A 44 14.06 13.58 -6.63
C LEU A 44 15.30 12.98 -7.26
N ALA A 45 15.11 11.97 -8.12
CA ALA A 45 16.26 11.38 -8.81
C ALA A 45 16.85 12.35 -9.83
N LEU A 46 16.01 13.14 -10.49
CA LEU A 46 16.51 14.15 -11.40
C LEU A 46 17.29 15.22 -10.65
N ALA A 47 16.80 15.63 -9.48
CA ALA A 47 17.49 16.63 -8.69
C ALA A 47 18.83 16.12 -8.20
N LEU A 48 18.86 14.90 -7.66
CA LEU A 48 20.09 14.33 -7.14
C LEU A 48 21.16 14.25 -8.22
N LEU A 49 20.85 13.57 -9.33
CA LEU A 49 21.83 13.37 -10.39
C LEU A 49 22.26 14.71 -11.01
N THR A 50 21.40 15.72 -10.96
CA THR A 50 21.74 16.99 -11.58
C THR A 50 22.69 17.83 -10.72
N GLU A 51 22.45 17.90 -9.41
CA GLU A 51 23.36 18.63 -8.54
C GLU A 51 24.72 17.95 -8.46
N GLU A 52 24.74 16.62 -8.48
CA GLU A 52 26.01 15.90 -8.54
C GLU A 52 26.61 15.91 -9.94
N ARG A 53 25.92 16.47 -10.93
CA ARG A 53 26.44 16.56 -12.30
C ARG A 53 26.81 15.18 -12.84
N ALA A 54 25.93 14.20 -12.62
CA ALA A 54 26.20 12.83 -12.99
C ALA A 54 25.15 12.32 -13.98
N GLU A 55 25.54 11.29 -14.73
CA GLU A 55 24.62 10.48 -15.53
C GLU A 55 23.75 11.36 -16.43
N ALA A 56 24.41 11.96 -17.42
CA ALA A 56 23.71 12.81 -18.38
C ALA A 56 22.59 12.05 -19.08
N ASP A 57 22.90 10.84 -19.55
CA ASP A 57 21.90 10.03 -20.25
C ASP A 57 20.65 9.84 -19.39
N ALA A 58 20.84 9.46 -18.12
CA ALA A 58 19.70 9.15 -17.27
C ALA A 58 18.93 10.41 -16.90
N THR A 59 19.62 11.52 -16.65
CA THR A 59 18.91 12.76 -16.31
C THR A 59 18.17 13.32 -17.52
N ALA A 60 18.65 13.03 -18.74
CA ALA A 60 17.91 13.43 -19.93
C ALA A 60 16.60 12.65 -20.03
N ARG A 61 16.64 11.34 -19.79
CA ARG A 61 15.42 10.54 -19.82
C ARG A 61 14.45 10.97 -18.71
N LEU A 62 14.97 11.14 -17.49
CA LEU A 62 14.13 11.58 -16.39
C LEU A 62 13.44 12.90 -16.70
N THR A 63 14.12 13.80 -17.42
CA THR A 63 13.49 15.07 -17.78
C THR A 63 12.39 14.86 -18.81
N ALA A 64 12.63 14.02 -19.80
CA ALA A 64 11.61 13.76 -20.81
C ALA A 64 10.42 13.03 -20.22
N TYR A 65 10.65 12.12 -19.27
CA TYR A 65 9.54 11.45 -18.60
C TYR A 65 8.71 12.44 -17.80
N LEU A 66 9.36 13.38 -17.13
CA LEU A 66 8.63 14.32 -16.28
C LEU A 66 7.76 15.25 -17.12
N ARG A 67 8.31 15.78 -18.22
CA ARG A 67 7.50 16.66 -19.07
C ARG A 67 6.34 15.91 -19.69
N THR A 68 6.58 14.70 -20.21
CA THR A 68 5.52 13.95 -20.86
C THR A 68 4.44 13.55 -19.87
N THR A 69 4.83 13.15 -18.66
CA THR A 69 3.83 12.75 -17.68
C THR A 69 2.99 13.93 -17.23
N LEU A 70 3.61 15.11 -17.10
CA LEU A 70 2.84 16.30 -16.77
C LEU A 70 1.95 16.72 -17.93
N ARG A 71 2.41 16.49 -19.16
CA ARG A 71 1.63 16.85 -20.32
C ARG A 71 0.42 15.94 -20.48
N THR A 72 0.60 14.64 -20.29
CA THR A 72 -0.42 13.67 -20.65
C THR A 72 -1.14 13.04 -19.46
N ALA A 73 -0.51 12.95 -18.29
CA ALA A 73 -1.07 12.22 -17.15
C ALA A 73 -0.65 12.89 -15.86
N PRO A 74 -1.16 14.09 -15.60
CA PRO A 74 -0.73 14.85 -14.42
C PRO A 74 -1.16 14.17 -13.14
N PRO A 75 -0.25 14.02 -12.17
CA PRO A 75 -0.63 13.45 -10.87
C PRO A 75 -1.21 14.52 -9.95
N ASP A 76 -1.22 14.25 -8.65
CA ASP A 76 -1.79 15.20 -7.70
C ASP A 76 -0.97 16.48 -7.68
N PRO A 77 -1.53 17.57 -7.14
CA PRO A 77 -0.84 18.86 -7.22
C PRO A 77 0.50 18.88 -6.48
N PHE A 78 0.66 18.07 -5.44
CA PHE A 78 1.94 18.06 -4.73
C PHE A 78 3.05 17.54 -5.63
N GLN A 79 2.82 16.42 -6.31
CA GLN A 79 3.85 15.86 -7.18
C GLN A 79 4.11 16.75 -8.39
N CYS A 80 3.07 17.42 -8.90
CA CYS A 80 3.26 18.37 -9.99
C CYS A 80 4.16 19.52 -9.55
N ALA A 81 3.87 20.10 -8.38
CA ALA A 81 4.73 21.16 -7.85
C ALA A 81 6.16 20.66 -7.66
N VAL A 82 6.32 19.39 -7.29
CA VAL A 82 7.65 18.83 -7.13
C VAL A 82 8.35 18.71 -8.47
N ALA A 83 7.62 18.24 -9.49
CA ALA A 83 8.21 18.17 -10.83
C ALA A 83 8.54 19.56 -11.36
N ARG A 84 7.59 20.49 -11.25
CA ARG A 84 7.84 21.85 -11.71
C ARG A 84 9.04 22.47 -10.98
N ALA A 85 9.21 22.12 -9.69
CA ALA A 85 10.31 22.70 -8.93
C ALA A 85 11.67 22.20 -9.42
N VAL A 86 11.73 20.95 -9.89
CA VAL A 86 12.99 20.39 -10.36
C VAL A 86 13.22 20.69 -11.83
N LEU A 87 12.16 20.68 -12.64
CA LEU A 87 12.30 21.02 -14.06
C LEU A 87 12.75 22.46 -14.26
N GLY A 88 12.53 23.33 -13.27
CA GLY A 88 12.88 24.73 -13.39
C GLY A 88 14.36 25.01 -13.20
N ALA A 105 2.84 27.41 -4.95
CA ALA A 105 3.23 26.01 -4.77
C ALA A 105 2.83 25.54 -3.38
N GLY A 106 2.75 26.48 -2.45
CA GLY A 106 2.15 26.21 -1.16
C GLY A 106 0.66 25.96 -1.26
N THR A 107 0.04 26.42 -2.36
CA THR A 107 -1.32 25.99 -2.70
C THR A 107 -1.36 24.53 -3.10
N ALA A 108 -0.21 23.95 -3.47
CA ALA A 108 -0.17 22.52 -3.78
C ALA A 108 -0.27 21.68 -2.51
N LEU A 109 0.40 22.10 -1.44
CA LEU A 109 0.27 21.39 -0.16
C LEU A 109 -1.18 21.38 0.30
N ASP A 110 -1.81 22.56 0.33
CA ASP A 110 -3.21 22.63 0.70
C ASP A 110 -4.07 21.74 -0.20
N ALA A 111 -3.68 21.61 -1.47
CA ALA A 111 -4.50 20.89 -2.43
C ALA A 111 -4.24 19.39 -2.38
N GLY A 112 -2.98 18.97 -2.29
CA GLY A 112 -2.69 17.55 -2.18
C GLY A 112 -3.19 16.95 -0.89
N LEU A 113 -3.20 17.73 0.18
CA LEU A 113 -3.71 17.30 1.48
C LEU A 113 -5.07 17.93 1.77
N ASP A 114 -5.90 18.07 0.74
CA ASP A 114 -7.24 18.61 0.91
C ASP A 114 -7.99 17.83 1.98
N GLY A 115 -7.86 18.26 3.23
CA GLY A 115 -8.52 17.54 4.31
C GLY A 115 -8.10 16.10 4.40
N PHE A 116 -6.81 15.83 4.15
CA PHE A 116 -6.26 14.49 4.36
C PHE A 116 -6.57 14.08 5.79
N ASP A 117 -7.59 13.26 5.97
CA ASP A 117 -8.08 12.87 7.29
C ASP A 117 -7.32 11.62 7.74
N HIS A 118 -6.35 11.81 8.64
CA HIS A 118 -5.49 10.72 9.06
C HIS A 118 -4.58 11.18 10.20
N PHE A 119 -4.13 10.25 11.04
CA PHE A 119 -3.30 10.66 12.17
C PHE A 119 -1.91 11.14 11.73
N THR A 120 -1.52 10.86 10.49
CA THR A 120 -0.22 11.26 9.98
C THR A 120 -0.22 12.64 9.34
N ALA A 121 -1.38 13.30 9.26
CA ALA A 121 -1.48 14.55 8.51
C ALA A 121 -0.44 15.57 8.98
N GLY A 122 -0.17 15.61 10.29
CA GLY A 122 0.80 16.58 10.79
C GLY A 122 2.22 16.28 10.35
N ARG A 123 2.62 15.00 10.41
CA ARG A 123 3.94 14.63 9.94
C ARG A 123 4.07 14.84 8.43
N LYS A 124 2.98 14.60 7.69
CA LYS A 124 3.02 14.73 6.24
C LYS A 124 3.18 16.18 5.81
N ARG A 125 2.43 17.09 6.44
CA ARG A 125 2.58 18.51 6.12
C ARG A 125 4.03 18.96 6.34
N LEU A 126 4.68 18.43 7.37
CA LEU A 126 6.09 18.73 7.60
C LEU A 126 6.96 18.08 6.54
N MET A 127 6.74 16.78 6.28
CA MET A 127 7.50 16.07 5.26
C MET A 127 7.43 16.77 3.91
N PHE A 128 6.19 17.05 3.46
CA PHE A 128 6.00 17.53 2.10
C PHE A 128 6.49 18.96 1.91
N ARG A 129 6.36 19.80 2.94
CA ARG A 129 6.89 21.16 2.82
C ARG A 129 8.41 21.16 2.82
N THR A 130 9.03 20.32 3.66
CA THR A 130 10.48 20.24 3.68
C THR A 130 11.02 19.73 2.34
N VAL A 131 10.31 18.78 1.72
CA VAL A 131 10.70 18.33 0.39
C VAL A 131 10.65 19.48 -0.60
N LEU A 132 9.51 20.15 -0.69
CA LEU A 132 9.37 21.25 -1.63
C LEU A 132 10.41 22.34 -1.38
N ALA A 133 10.73 22.59 -0.11
CA ALA A 133 11.75 23.59 0.20
C ALA A 133 13.14 23.11 -0.18
N ALA A 134 13.43 21.84 0.09
CA ALA A 134 14.71 21.27 -0.32
C ALA A 134 14.94 21.45 -1.82
N LEU A 135 13.86 21.46 -2.61
CA LEU A 135 13.95 21.65 -4.05
C LEU A 135 13.82 23.12 -4.46
N GLY A 136 13.76 24.04 -3.50
CA GLY A 136 13.77 25.45 -3.83
C GLY A 136 12.45 26.05 -4.23
N ALA A 137 11.33 25.41 -3.86
CA ALA A 137 10.02 25.89 -4.25
C ALA A 137 9.33 26.73 -3.18
N THR A 138 9.75 26.62 -1.93
CA THR A 138 9.15 27.40 -0.84
C THR A 138 10.15 27.50 0.30
N GLY A 139 9.74 28.17 1.37
CA GLY A 139 10.58 28.31 2.54
C GLY A 139 10.47 27.11 3.47
N PHE A 140 11.59 26.78 4.12
CA PHE A 140 11.58 25.67 5.04
C PHE A 140 10.66 25.97 6.23
N PRO A 141 10.10 24.92 6.86
CA PRO A 141 9.15 25.16 7.95
C PRO A 141 9.85 25.70 9.19
N ALA A 142 9.30 26.78 9.73
CA ALA A 142 9.86 27.41 10.93
C ALA A 142 9.46 26.63 12.17
N VAL A 143 10.02 25.44 12.33
CA VAL A 143 9.66 24.54 13.41
C VAL A 143 10.91 24.18 14.18
N PRO A 144 10.79 23.85 15.46
CA PRO A 144 11.92 23.29 16.20
C PRO A 144 12.42 22.02 15.54
N TRP A 145 13.73 21.82 15.60
CA TRP A 145 14.33 20.65 14.97
C TRP A 145 13.76 19.34 15.49
N GLU A 146 13.20 19.34 16.71
CA GLU A 146 12.60 18.12 17.24
C GLU A 146 11.37 17.70 16.45
N ALA A 147 10.77 18.60 15.67
CA ALA A 147 9.60 18.22 14.87
C ALA A 147 9.91 17.11 13.89
N TYR A 148 11.18 16.94 13.51
CA TYR A 148 11.59 15.85 12.63
C TYR A 148 11.90 14.56 13.38
N ASP A 149 11.71 14.54 14.70
CA ASP A 149 11.96 13.35 15.50
C ASP A 149 10.71 12.47 15.45
N THR A 150 10.90 11.20 15.08
CA THR A 150 9.77 10.27 14.96
C THR A 150 10.04 9.01 15.78
N ARG A 151 8.98 8.43 16.36
CA ARG A 151 9.13 7.18 17.13
C ARG A 151 9.61 6.05 16.24
N PRO A 152 10.21 5.00 16.81
CA PRO A 152 10.59 3.84 16.03
C PRO A 152 9.32 3.24 15.41
N GLN A 153 9.30 3.11 14.08
CA GLN A 153 8.13 2.55 13.37
C GLN A 153 8.67 1.74 12.20
N GLN A 154 8.17 1.99 11.00
CA GLN A 154 8.76 1.32 9.82
C GLN A 154 10.18 1.87 9.73
N SER A 155 11.11 1.05 9.30
CA SER A 155 12.53 1.45 9.27
C SER A 155 12.74 2.67 8.36
N TRP A 156 12.01 2.73 7.26
CA TRP A 156 12.21 3.80 6.25
C TRP A 156 11.71 5.18 6.73
N LEU A 157 10.70 5.23 7.59
CA LEU A 157 10.23 6.52 8.13
C LEU A 157 11.34 7.22 8.91
N HIS A 158 12.05 6.48 9.76
CA HIS A 158 13.08 7.14 10.55
C HIS A 158 14.16 7.74 9.65
N MET A 159 14.58 7.01 8.63
CA MET A 159 15.57 7.53 7.69
C MET A 159 15.04 8.74 6.93
N GLU A 160 13.76 8.70 6.54
CA GLU A 160 13.20 9.80 5.78
C GLU A 160 13.15 11.09 6.61
N MET A 161 12.71 10.99 7.86
CA MET A 161 12.64 12.18 8.70
C MET A 161 14.03 12.72 9.01
N LYS A 162 15.00 11.83 9.25
CA LYS A 162 16.36 12.29 9.48
C LYS A 162 16.94 12.98 8.25
N ALA A 163 16.67 12.44 7.06
CA ALA A 163 17.14 13.08 5.84
C ALA A 163 16.55 14.48 5.69
N LEU A 164 15.24 14.62 5.93
CA LEU A 164 14.59 15.91 5.78
C LEU A 164 15.05 16.90 6.84
N LYS A 165 15.36 16.42 8.04
CA LYS A 165 15.95 17.29 9.05
C LYS A 165 17.30 17.83 8.58
N VAL A 166 18.14 16.95 8.04
CA VAL A 166 19.43 17.39 7.50
C VAL A 166 19.22 18.43 6.41
N LEU A 167 18.38 18.13 5.43
CA LEU A 167 18.12 19.07 4.34
C LEU A 167 17.66 20.42 4.89
N ALA A 168 16.75 20.40 5.86
CA ALA A 168 16.28 21.64 6.46
C ALA A 168 17.42 22.39 7.16
N ALA A 169 18.34 21.67 7.79
CA ALA A 169 19.41 22.32 8.53
C ALA A 169 20.41 23.00 7.60
N HIS A 170 20.75 22.33 6.50
CA HIS A 170 21.63 22.94 5.51
C HIS A 170 20.89 23.98 4.67
N GLY A 171 19.62 23.72 4.36
CA GLY A 171 18.87 24.64 3.53
C GLY A 171 18.62 25.98 4.19
N THR A 172 18.51 26.00 5.52
CA THR A 172 18.29 27.24 6.25
C THR A 172 19.59 27.89 6.72
N GLY A 173 20.73 27.26 6.49
CA GLY A 173 22.01 27.84 6.85
C GLY A 173 22.54 27.48 8.22
N HIS A 174 22.10 26.36 8.79
CA HIS A 174 22.53 25.94 10.13
C HIS A 174 23.01 24.49 10.10
N PRO A 175 24.09 24.23 9.36
CA PRO A 175 24.59 22.84 9.28
C PRO A 175 25.16 22.32 10.59
N ASP A 176 25.58 23.20 11.50
CA ASP A 176 26.07 22.78 12.81
C ASP A 176 25.00 22.11 13.64
N VAL A 177 23.73 22.20 13.24
CA VAL A 177 22.65 21.59 14.00
C VAL A 177 22.58 20.08 13.83
N VAL A 178 23.19 19.54 12.76
CA VAL A 178 23.07 18.12 12.48
C VAL A 178 23.94 17.33 13.47
N ARG A 179 23.29 16.47 14.25
CA ARG A 179 23.99 15.60 15.18
C ARG A 179 24.44 14.33 14.47
N ASP A 180 25.47 13.69 15.02
CA ASP A 180 26.00 12.48 14.40
C ASP A 180 25.01 11.33 14.39
N GLU A 181 24.03 11.34 15.31
CA GLU A 181 22.99 10.33 15.27
C GLU A 181 22.01 10.54 14.12
N ASP A 182 22.03 11.73 13.52
CA ASP A 182 21.22 11.96 12.32
C ASP A 182 21.89 11.38 11.08
N TRP A 183 23.18 11.65 10.91
CA TRP A 183 23.93 11.06 9.81
C TRP A 183 23.88 9.55 9.87
N ARG A 184 24.02 8.98 11.07
CA ARG A 184 24.06 7.53 11.21
C ARG A 184 22.82 6.88 10.63
N ALA A 185 21.66 7.53 10.76
CA ALA A 185 20.42 6.98 10.25
C ALA A 185 20.39 6.88 8.73
N LEU A 186 21.28 7.58 8.03
CA LEU A 186 21.30 7.58 6.58
C LEU A 186 22.28 6.57 5.99
N LEU A 187 23.09 5.93 6.82
CA LEU A 187 24.12 5.03 6.30
C LEU A 187 23.60 3.92 5.40
N PRO A 188 22.41 3.36 5.62
CA PRO A 188 21.92 2.33 4.67
C PRO A 188 21.83 2.82 3.24
N ALA A 189 21.58 4.12 3.03
CA ALA A 189 21.44 4.63 1.68
C ALA A 189 22.72 4.51 0.87
N LEU A 190 23.87 4.36 1.52
CA LEU A 190 25.15 4.27 0.84
C LEU A 190 25.59 2.84 0.53
N GLU A 191 24.81 1.85 0.96
CA GLU A 191 25.14 0.48 0.65
C GLU A 191 24.96 0.23 -0.85
N PRO A 192 25.76 -0.67 -1.43
CA PRO A 192 25.63 -0.94 -2.87
C PRO A 192 24.36 -1.72 -3.18
N GLY A 193 23.97 -1.66 -4.46
CA GLY A 193 22.88 -2.46 -4.95
C GLY A 193 21.53 -1.77 -4.87
N PRO A 194 20.47 -2.57 -4.78
CA PRO A 194 19.12 -2.01 -4.72
C PRO A 194 18.86 -1.30 -3.40
N ALA A 195 17.83 -0.45 -3.42
CA ALA A 195 17.50 0.37 -2.27
C ALA A 195 17.24 -0.49 -1.03
N TRP A 196 17.80 -0.04 0.10
CA TRP A 196 17.47 -0.60 1.40
C TRP A 196 15.95 -0.64 1.58
N GLU A 197 15.44 -1.81 1.98
CA GLU A 197 14.01 -2.01 2.16
C GLU A 197 13.21 -1.78 0.87
N CYS A 198 13.89 -1.80 -0.28
CA CYS A 198 13.26 -1.64 -1.59
C CYS A 198 12.57 -0.29 -1.75
N ASN A 199 12.98 0.72 -0.97
CA ASN A 199 12.29 2.01 -0.92
C ASN A 199 13.17 3.06 -1.60
N ASN A 200 12.75 3.48 -2.81
CA ASN A 200 13.54 4.43 -3.58
C ASN A 200 13.43 5.84 -3.01
N LEU A 201 12.20 6.28 -2.71
CA LEU A 201 12.01 7.60 -2.12
C LEU A 201 12.93 7.78 -0.90
N ALA A 202 12.99 6.76 -0.04
CA ALA A 202 13.81 6.87 1.17
C ALA A 202 15.30 7.01 0.82
N GLN A 203 15.78 6.20 -0.13
CA GLN A 203 17.20 6.30 -0.47
C GLN A 203 17.51 7.62 -1.15
N LEU A 204 16.64 8.06 -2.07
CA LEU A 204 16.87 9.33 -2.75
C LEU A 204 16.88 10.49 -1.76
N LEU A 205 15.99 10.46 -0.77
CA LEU A 205 15.99 11.51 0.25
C LEU A 205 17.27 11.47 1.08
N ALA A 206 17.69 10.26 1.48
CA ALA A 206 18.91 10.15 2.26
C ALA A 206 20.12 10.63 1.49
N LEU A 207 20.19 10.30 0.19
CA LEU A 207 21.33 10.70 -0.63
C LEU A 207 21.36 12.21 -0.86
N LEU A 208 20.20 12.84 -0.99
CA LEU A 208 20.15 14.29 -1.14
C LEU A 208 20.67 14.98 0.12
N ALA A 209 20.50 14.36 1.29
CA ALA A 209 21.10 14.90 2.51
C ALA A 209 22.57 14.52 2.62
N LEU A 210 22.90 13.27 2.29
CA LEU A 210 24.26 12.78 2.48
C LEU A 210 25.26 13.57 1.64
N ARG A 211 24.84 14.04 0.46
CA ARG A 211 25.75 14.75 -0.41
C ARG A 211 26.24 16.05 0.22
N HIS A 212 25.59 16.53 1.28
CA HIS A 212 26.05 17.71 2.00
C HIS A 212 27.13 17.40 3.02
N SER A 213 27.52 16.14 3.19
CA SER A 213 28.51 15.75 4.18
C SER A 213 29.79 15.30 3.48
N PRO A 214 30.92 15.99 3.69
CA PRO A 214 32.18 15.50 3.13
C PRO A 214 32.62 14.16 3.70
N ARG A 215 32.19 13.81 4.92
CA ARG A 215 32.54 12.52 5.48
C ARG A 215 31.93 11.36 4.71
N HIS A 216 30.91 11.62 3.90
CA HIS A 216 30.15 10.57 3.24
C HIS A 216 30.19 10.63 1.73
N ARG A 217 30.73 11.70 1.14
CA ARG A 217 30.80 11.77 -0.32
C ARG A 217 31.65 10.65 -0.94
N PRO A 218 32.67 10.09 -0.28
CA PRO A 218 33.42 8.99 -0.90
C PRO A 218 32.56 7.82 -1.34
N ALA A 219 31.47 7.54 -0.62
CA ALA A 219 30.60 6.41 -0.95
C ALA A 219 29.49 6.77 -1.92
N LEU A 220 29.46 8.00 -2.43
CA LEU A 220 28.30 8.51 -3.15
C LEU A 220 28.34 8.20 -4.65
N GLY A 221 29.52 8.19 -5.27
CA GLY A 221 29.58 7.90 -6.68
C GLY A 221 29.05 6.52 -7.03
N ASP A 222 29.33 5.54 -6.17
CA ASP A 222 28.95 4.16 -6.46
C ASP A 222 27.45 3.99 -6.49
N VAL A 223 26.73 4.64 -5.58
CA VAL A 223 25.29 4.48 -5.52
C VAL A 223 24.59 5.29 -6.61
N LEU A 224 25.18 6.39 -7.07
CA LEU A 224 24.56 7.15 -8.15
C LEU A 224 24.48 6.31 -9.41
N LYS A 225 25.49 5.47 -9.66
CA LYS A 225 25.48 4.61 -10.82
C LYS A 225 24.40 3.54 -10.72
N HIS A 226 24.11 3.06 -9.51
CA HIS A 226 23.05 2.06 -9.37
C HIS A 226 21.67 2.70 -9.33
N VAL A 227 21.54 3.90 -8.75
CA VAL A 227 20.28 4.63 -8.86
C VAL A 227 19.96 4.88 -10.33
N ALA A 228 20.96 5.34 -11.10
CA ALA A 228 20.74 5.68 -12.50
C ALA A 228 20.32 4.48 -13.33
N GLY A 229 20.78 3.29 -12.97
CA GLY A 229 20.39 2.07 -13.66
C GLY A 229 19.01 1.55 -13.31
N ARG A 230 18.33 2.18 -12.36
CA ARG A 230 16.99 1.76 -11.98
C ARG A 230 15.92 2.31 -12.91
N LEU A 231 16.27 3.23 -13.81
CA LEU A 231 15.29 3.83 -14.70
C LEU A 231 14.47 2.76 -15.41
N ARG A 232 13.16 2.95 -15.44
CA ARG A 232 12.31 2.03 -16.18
C ARG A 232 12.23 2.44 -17.65
N PRO A 233 11.73 1.57 -18.50
CA PRO A 233 11.72 1.86 -19.94
C PRO A 233 11.15 3.21 -20.31
N ASP A 234 10.16 3.71 -19.55
CA ASP A 234 9.57 5.01 -19.88
C ASP A 234 10.41 6.19 -19.38
N GLY A 235 11.59 5.93 -18.83
CA GLY A 235 12.46 6.97 -18.35
C GLY A 235 12.23 7.38 -16.91
N GLY A 236 11.28 6.76 -16.21
CA GLY A 236 10.93 7.15 -14.87
C GLY A 236 11.59 6.31 -13.80
N MET A 237 11.34 6.70 -12.55
CA MET A 237 11.85 6.05 -11.36
C MET A 237 10.68 5.53 -10.53
N PRO A 238 10.66 4.24 -10.20
CA PRO A 238 9.55 3.70 -9.39
C PRO A 238 9.69 4.07 -7.92
N PHE A 239 8.53 4.19 -7.27
CA PHE A 239 8.49 4.41 -5.82
C PHE A 239 9.18 3.28 -5.08
N ILE A 240 8.80 2.04 -5.38
CA ILE A 240 9.40 0.85 -4.80
C ILE A 240 9.76 -0.11 -5.93
N ASP A 241 10.57 -1.11 -5.60
CA ASP A 241 10.91 -2.14 -6.58
C ASP A 241 9.66 -2.89 -7.01
N GLY A 242 8.89 -3.39 -6.05
CA GLY A 242 7.65 -4.07 -6.36
C GLY A 242 6.94 -4.50 -5.09
N MET A 243 5.87 -5.28 -5.28
CA MET A 243 5.05 -5.81 -4.20
C MET A 243 4.77 -7.29 -4.41
N THR A 244 5.81 -8.06 -4.76
CA THR A 244 5.59 -9.45 -5.14
C THR A 244 5.00 -10.28 -4.01
N VAL A 245 5.35 -9.98 -2.76
CA VAL A 245 4.81 -10.74 -1.64
C VAL A 245 3.33 -10.40 -1.43
N PHE A 246 3.01 -9.11 -1.38
CA PHE A 246 1.62 -8.69 -1.26
C PHE A 246 0.77 -9.26 -2.39
N THR A 247 1.28 -9.19 -3.62
CA THR A 247 0.50 -9.62 -4.78
C THR A 247 0.38 -11.14 -4.84
N THR A 248 1.49 -11.86 -4.60
CA THR A 248 1.45 -13.31 -4.62
C THR A 248 0.47 -13.84 -3.58
N ALA A 249 0.54 -13.28 -2.36
CA ALA A 249 -0.36 -13.72 -1.29
C ALA A 249 -1.81 -13.47 -1.66
N ALA A 250 -2.11 -12.26 -2.17
CA ALA A 250 -3.48 -11.94 -2.56
C ALA A 250 -3.96 -12.84 -3.69
N ALA A 251 -3.11 -13.07 -4.69
CA ALA A 251 -3.46 -13.99 -5.77
C ALA A 251 -3.69 -15.40 -5.24
N GLY A 252 -2.76 -15.90 -4.43
CA GLY A 252 -2.92 -17.23 -3.87
C GLY A 252 -4.19 -17.38 -3.07
N LEU A 253 -4.58 -16.32 -2.35
CA LEU A 253 -5.82 -16.38 -1.58
C LEU A 253 -7.04 -16.39 -2.49
N ALA A 254 -7.00 -15.62 -3.58
CA ALA A 254 -8.09 -15.67 -4.55
C ALA A 254 -8.18 -17.06 -5.19
N LEU A 255 -7.05 -17.56 -5.68
CA LEU A 255 -7.03 -18.87 -6.33
C LEU A 255 -7.52 -19.98 -5.39
N SER A 256 -7.21 -19.89 -4.10
CA SER A 256 -7.61 -20.91 -3.13
C SER A 256 -9.07 -20.80 -2.73
N LEU A 257 -9.77 -19.76 -3.16
CA LEU A 257 -11.21 -19.63 -2.94
C LEU A 257 -12.02 -20.07 -4.16
N LEU A 258 -11.36 -20.53 -5.22
CA LEU A 258 -12.07 -21.08 -6.36
C LEU A 258 -12.63 -22.45 -6.00
N PRO A 259 -13.70 -22.88 -6.70
CA PRO A 259 -14.21 -24.24 -6.46
C PRO A 259 -13.13 -25.31 -6.53
N ALA A 260 -12.18 -25.17 -7.45
CA ALA A 260 -11.09 -26.14 -7.60
C ALA A 260 -9.79 -25.38 -7.81
N PRO A 261 -9.03 -25.16 -6.74
CA PRO A 261 -7.84 -24.31 -6.82
C PRO A 261 -6.80 -24.90 -7.74
N PRO A 262 -6.07 -24.07 -8.49
CA PRO A 262 -4.98 -24.58 -9.32
C PRO A 262 -3.88 -25.21 -8.47
N ALA A 263 -3.16 -26.13 -9.08
CA ALA A 263 -2.08 -26.81 -8.36
C ALA A 263 -0.99 -25.82 -7.93
N CYS A 264 -0.83 -24.72 -8.66
CA CYS A 264 0.28 -23.81 -8.40
C CYS A 264 0.18 -23.07 -7.07
N VAL A 265 -0.93 -23.22 -6.33
CA VAL A 265 -1.02 -22.58 -5.03
C VAL A 265 0.03 -23.15 -4.09
N THR A 266 0.44 -24.40 -4.31
CA THR A 266 1.48 -24.99 -3.46
C THR A 266 2.83 -24.30 -3.65
N PRO A 267 3.36 -24.16 -4.85
CA PRO A 267 4.61 -23.40 -5.01
C PRO A 267 4.47 -21.96 -4.53
N MET A 268 3.30 -21.35 -4.72
CA MET A 268 3.08 -19.99 -4.21
C MET A 268 3.20 -19.95 -2.69
N ALA A 269 2.57 -20.91 -2.01
CA ALA A 269 2.66 -20.95 -0.55
C ALA A 269 4.08 -21.20 -0.10
N ASP A 270 4.80 -22.09 -0.78
CA ASP A 270 6.20 -22.32 -0.44
C ASP A 270 7.02 -21.06 -0.59
N ALA A 271 6.82 -20.32 -1.69
CA ALA A 271 7.62 -19.14 -1.94
C ALA A 271 7.36 -18.07 -0.89
N LEU A 272 6.12 -17.92 -0.44
CA LEU A 272 5.81 -16.95 0.60
C LEU A 272 6.44 -17.36 1.93
N ALA A 273 6.32 -18.65 2.29
CA ALA A 273 6.74 -19.09 3.62
C ALA A 273 8.26 -19.00 3.79
N LEU A 274 9.03 -19.22 2.72
CA LEU A 274 10.48 -19.15 2.83
C LEU A 274 11.01 -17.72 2.89
N ARG A 275 10.16 -16.73 2.67
CA ARG A 275 10.56 -15.33 2.70
C ARG A 275 10.14 -14.63 3.98
N ARG A 276 9.62 -15.36 4.96
CA ARG A 276 9.14 -14.74 6.18
C ARG A 276 10.30 -14.18 6.99
N ASN A 277 10.03 -13.13 7.73
CA ASN A 277 11.04 -12.44 8.50
C ASN A 277 11.22 -13.07 9.87
N PRO A 278 12.35 -12.80 10.53
CA PRO A 278 12.59 -13.39 11.86
C PRO A 278 11.45 -13.20 12.84
N ASP A 279 10.73 -12.09 12.77
CA ASP A 279 9.61 -11.90 13.70
C ASP A 279 8.37 -12.68 13.30
N GLY A 280 8.45 -13.51 12.26
CA GLY A 280 7.31 -14.27 11.80
C GLY A 280 6.38 -13.53 10.87
N GLY A 281 6.60 -12.24 10.64
CA GLY A 281 5.78 -11.45 9.75
C GLY A 281 6.36 -11.43 8.34
N TYR A 282 5.72 -10.65 7.49
CA TYR A 282 6.08 -10.58 6.08
C TYR A 282 6.17 -9.14 5.61
N GLY A 283 7.10 -8.88 4.69
CA GLY A 283 7.18 -7.62 4.01
C GLY A 283 6.44 -7.66 2.68
N PHE A 284 6.36 -6.49 2.05
CA PHE A 284 5.60 -6.39 0.80
C PHE A 284 6.38 -6.89 -0.41
N HIS A 285 7.69 -7.11 -0.28
CA HIS A 285 8.52 -7.49 -1.41
C HIS A 285 9.68 -8.34 -0.93
N SER A 286 10.34 -8.99 -1.88
CA SER A 286 11.55 -9.74 -1.56
C SER A 286 12.60 -8.80 -0.99
N GLY A 287 13.18 -9.18 0.15
CA GLY A 287 14.23 -8.38 0.75
C GLY A 287 13.76 -7.20 1.57
N VAL A 288 12.51 -7.21 2.04
CA VAL A 288 11.99 -6.19 2.92
C VAL A 288 11.95 -6.77 4.34
N ALA A 289 12.87 -6.32 5.19
CA ALA A 289 12.96 -6.84 6.55
C ALA A 289 11.81 -6.34 7.43
N GLN A 290 11.23 -5.20 7.10
CA GLN A 290 10.12 -4.64 7.88
C GLN A 290 8.85 -5.43 7.61
N SER A 291 8.36 -6.13 8.63
CA SER A 291 7.07 -6.80 8.51
C SER A 291 5.95 -5.80 8.74
N ASP A 292 4.78 -6.11 8.18
CA ASP A 292 3.59 -5.31 8.41
C ASP A 292 2.37 -6.22 8.53
N VAL A 293 1.31 -5.65 9.11
CA VAL A 293 0.11 -6.43 9.40
C VAL A 293 -0.64 -6.80 8.13
N GLU A 294 -0.62 -5.93 7.12
CA GLU A 294 -1.41 -6.19 5.91
C GLU A 294 -0.85 -7.37 5.13
N ASP A 295 0.46 -7.37 4.88
CA ASP A 295 1.07 -8.50 4.18
C ASP A 295 0.90 -9.79 4.97
N THR A 296 1.18 -9.74 6.27
CA THR A 296 1.12 -10.95 7.09
C THR A 296 -0.27 -11.57 7.07
N CYS A 297 -1.32 -10.74 7.08
CA CYS A 297 -2.67 -11.28 7.11
C CYS A 297 -3.02 -11.98 5.80
N TYR A 298 -2.55 -11.46 4.67
CA TYR A 298 -2.83 -12.11 3.39
C TYR A 298 -2.10 -13.45 3.29
N VAL A 299 -0.82 -13.48 3.68
CA VAL A 299 -0.08 -14.74 3.70
C VAL A 299 -0.76 -15.73 4.63
N LEU A 300 -1.14 -15.28 5.83
CA LEU A 300 -1.76 -16.16 6.82
C LEU A 300 -3.08 -16.73 6.30
N GLU A 301 -3.98 -15.86 5.83
CA GLU A 301 -5.24 -16.34 5.27
C GLU A 301 -4.99 -17.32 4.12
N PHE A 302 -4.03 -17.01 3.25
CA PHE A 302 -3.74 -17.88 2.12
C PHE A 302 -3.21 -19.23 2.57
N LEU A 303 -2.20 -19.22 3.46
CA LEU A 303 -1.59 -20.47 3.89
C LEU A 303 -2.57 -21.35 4.65
N ARG A 304 -3.48 -20.74 5.42
CA ARG A 304 -4.45 -21.52 6.17
C ARG A 304 -5.38 -22.30 5.26
N ARG A 305 -5.50 -21.91 4.00
CA ARG A 305 -6.39 -22.59 3.07
C ARG A 305 -5.65 -23.58 2.17
N ALA A 306 -4.45 -23.21 1.71
CA ALA A 306 -3.72 -24.00 0.73
C ALA A 306 -2.60 -24.85 1.34
N ALA A 307 -2.25 -24.64 2.60
CA ALA A 307 -1.18 -25.43 3.20
C ALA A 307 -1.15 -25.32 4.72
N PRO A 308 -2.28 -25.51 5.40
CA PRO A 308 -2.28 -25.36 6.86
C PRO A 308 -1.36 -26.35 7.55
N ASP A 309 -1.12 -27.51 6.96
CA ASP A 309 -0.23 -28.52 7.51
C ASP A 309 1.17 -28.47 6.93
N ARG A 310 1.27 -28.36 5.60
CA ARG A 310 2.57 -28.22 4.95
C ARG A 310 3.35 -27.02 5.47
N HIS A 311 2.66 -26.00 5.98
CA HIS A 311 3.30 -24.81 6.54
C HIS A 311 2.74 -24.47 7.91
N ARG A 312 2.41 -25.49 8.69
CA ARG A 312 1.96 -25.31 10.07
C ARG A 312 2.80 -24.28 10.82
N THR A 313 4.12 -24.41 10.73
CA THR A 313 5.01 -23.53 11.49
C THR A 313 4.88 -22.08 11.04
N ALA A 314 4.97 -21.84 9.73
CA ALA A 314 4.80 -20.48 9.23
C ALA A 314 3.50 -19.88 9.71
N VAL A 315 2.42 -20.66 9.67
CA VAL A 315 1.12 -20.17 10.13
C VAL A 315 1.21 -19.73 11.59
N ALA A 316 1.80 -20.58 12.44
CA ALA A 316 1.86 -20.28 13.87
C ALA A 316 2.77 -19.08 14.15
N GLU A 317 3.86 -18.95 13.39
CA GLU A 317 4.74 -17.80 13.58
C GLU A 317 4.07 -16.50 13.16
N ALA A 318 3.33 -16.53 12.04
CA ALA A 318 2.61 -15.33 11.62
C ALA A 318 1.55 -14.94 12.65
N GLU A 319 0.84 -15.93 13.18
CA GLU A 319 -0.14 -15.66 14.23
C GLU A 319 0.53 -15.03 15.44
N GLY A 320 1.70 -15.52 15.83
CA GLY A 320 2.43 -14.92 16.93
C GLY A 320 2.89 -13.50 16.63
N TYR A 321 3.23 -13.22 15.38
CA TYR A 321 3.62 -11.87 15.00
C TYR A 321 2.48 -10.88 15.27
N LEU A 322 1.30 -11.18 14.74
CA LEU A 322 0.15 -10.30 14.91
C LEU A 322 -0.17 -10.11 16.40
N LEU A 323 -0.19 -11.21 17.16
CA LEU A 323 -0.51 -11.11 18.59
C LEU A 323 0.49 -10.26 19.35
N ALA A 324 1.67 -10.01 18.78
CA ALA A 324 2.67 -9.16 19.44
C ALA A 324 2.52 -7.69 19.07
N LEU A 325 1.99 -7.38 17.89
CA LEU A 325 1.76 -6.00 17.49
C LEU A 325 0.52 -5.40 18.15
N ARG A 326 -0.35 -6.23 18.74
CA ARG A 326 -1.68 -5.77 19.12
C ARG A 326 -1.61 -4.66 20.16
N ASN A 327 -2.39 -3.61 19.93
CA ASN A 327 -2.47 -2.47 20.82
C ASN A 327 -3.40 -2.76 22.00
N PRO A 328 -3.24 -2.03 23.10
CA PRO A 328 -4.11 -2.25 24.28
C PRO A 328 -5.55 -1.82 24.08
N ASP A 329 -5.88 -1.08 23.03
CA ASP A 329 -7.26 -0.67 22.79
C ASP A 329 -8.03 -1.68 21.96
N GLY A 330 -7.41 -2.81 21.61
CA GLY A 330 -8.04 -3.86 20.84
C GLY A 330 -7.63 -3.90 19.38
N GLY A 331 -7.21 -2.76 18.84
CA GLY A 331 -6.83 -2.68 17.45
C GLY A 331 -5.42 -3.14 17.18
N PHE A 332 -5.05 -3.08 15.90
CA PHE A 332 -3.73 -3.43 15.44
C PHE A 332 -3.16 -2.27 14.62
N PRO A 333 -1.88 -1.94 14.80
CA PRO A 333 -1.24 -0.94 13.95
C PRO A 333 -0.75 -1.61 12.68
N THR A 334 -0.07 -0.82 11.83
CA THR A 334 0.47 -1.40 10.61
C THR A 334 1.84 -2.02 10.85
N PHE A 335 2.73 -1.29 11.53
CA PHE A 335 4.12 -1.69 11.66
C PHE A 335 4.53 -2.02 13.09
N ALA A 336 4.30 -1.11 14.03
CA ALA A 336 4.84 -1.26 15.38
C ALA A 336 3.77 -0.97 16.41
N ARG A 337 3.68 -1.82 17.44
CA ARG A 337 2.76 -1.56 18.53
C ARG A 337 3.04 -0.19 19.13
N GLY A 338 2.02 0.42 19.71
CA GLY A 338 2.12 1.73 20.28
C GLY A 338 1.83 2.86 19.32
N THR A 339 1.96 2.63 18.02
CA THR A 339 1.42 3.56 17.05
C THR A 339 -0.10 3.34 16.91
N SER A 340 -0.77 4.33 16.34
CA SER A 340 -2.22 4.29 16.26
C SER A 340 -2.71 3.00 15.61
N SER A 341 -3.65 2.34 16.28
CA SER A 341 -4.38 1.26 15.63
C SER A 341 -5.07 1.79 14.38
N GLU A 342 -5.33 0.89 13.44
CA GLU A 342 -6.03 1.26 12.21
C GLU A 342 -7.17 0.28 11.99
N ILE A 343 -8.26 0.77 11.40
CA ILE A 343 -9.46 -0.06 11.23
C ILE A 343 -9.16 -1.22 10.28
N ALA A 344 -8.75 -0.91 9.05
CA ALA A 344 -8.47 -1.95 8.07
C ALA A 344 -7.54 -3.02 8.63
N MET A 345 -6.49 -2.59 9.33
CA MET A 345 -5.54 -3.55 9.91
C MET A 345 -6.19 -4.36 11.02
N THR A 346 -7.02 -3.72 11.84
CA THR A 346 -7.69 -4.44 12.93
C THR A 346 -8.66 -5.47 12.38
N ALA A 347 -9.44 -5.11 11.36
CA ALA A 347 -10.33 -6.07 10.72
C ALA A 347 -9.55 -7.19 10.06
N ALA A 348 -8.49 -6.84 9.33
CA ALA A 348 -7.67 -7.87 8.67
C ALA A 348 -7.11 -8.86 9.68
N ALA A 349 -6.62 -8.37 10.82
CA ALA A 349 -6.08 -9.25 11.84
C ALA A 349 -7.16 -10.14 12.44
N ALA A 350 -8.31 -9.57 12.75
CA ALA A 350 -9.40 -10.37 13.32
C ALA A 350 -9.76 -11.52 12.40
N SER A 351 -9.87 -11.26 11.10
CA SER A 351 -10.20 -12.31 10.15
C SER A 351 -9.14 -13.40 10.15
N ALA A 352 -7.86 -13.02 10.10
CA ALA A 352 -6.78 -14.00 10.00
C ALA A 352 -6.61 -14.78 11.29
N LEU A 353 -6.86 -14.17 12.44
CA LEU A 353 -6.70 -14.84 13.72
C LEU A 353 -7.91 -15.68 14.11
N ALA A 354 -9.03 -15.56 13.37
CA ALA A 354 -10.26 -16.20 13.80
C ALA A 354 -10.18 -17.72 13.72
N HIS A 355 -9.35 -18.26 12.82
CA HIS A 355 -9.35 -19.69 12.57
C HIS A 355 -9.08 -20.48 13.84
N ASP A 356 -8.10 -20.06 14.62
CA ASP A 356 -7.80 -20.72 15.89
C ASP A 356 -8.77 -20.23 16.95
N PRO A 357 -9.47 -21.12 17.66
CA PRO A 357 -10.30 -20.70 18.78
C PRO A 357 -9.51 -20.33 20.04
N ASP A 358 -8.19 -20.44 20.01
CA ASP A 358 -7.40 -20.05 21.17
C ASP A 358 -7.47 -18.55 21.40
N ARG A 359 -7.65 -17.77 20.33
CA ARG A 359 -7.52 -16.32 20.36
C ARG A 359 -8.85 -15.62 20.15
N ARG A 360 -9.95 -16.26 20.55
CA ARG A 360 -11.26 -15.63 20.38
C ARG A 360 -11.38 -14.36 21.20
N GLU A 361 -10.66 -14.27 22.33
CA GLU A 361 -10.66 -13.04 23.11
C GLU A 361 -10.12 -11.88 22.29
N GLU A 362 -8.95 -12.07 21.67
CA GLU A 362 -8.36 -11.01 20.86
C GLU A 362 -9.20 -10.71 19.63
N VAL A 363 -9.84 -11.73 19.05
CA VAL A 363 -10.63 -11.51 17.84
C VAL A 363 -11.85 -10.65 18.15
N ASP A 364 -12.60 -11.01 19.20
CA ASP A 364 -13.78 -10.24 19.55
C ASP A 364 -13.43 -8.79 19.88
N GLU A 365 -12.35 -8.58 20.62
CA GLU A 365 -11.95 -7.23 20.98
C GLU A 365 -11.56 -6.43 19.74
N ALA A 366 -10.90 -7.08 18.78
CA ALA A 366 -10.62 -6.42 17.51
C ALA A 366 -11.91 -6.02 16.81
N VAL A 367 -12.86 -6.96 16.71
CA VAL A 367 -14.13 -6.67 16.06
C VAL A 367 -14.85 -5.54 16.78
N ARG A 368 -14.87 -5.55 18.11
CA ARG A 368 -15.49 -4.47 18.85
C ARG A 368 -14.83 -3.14 18.53
N TYR A 369 -13.50 -3.13 18.43
CA TYR A 369 -12.80 -1.92 18.02
C TYR A 369 -13.32 -1.42 16.68
N VAL A 370 -13.59 -2.34 15.75
CA VAL A 370 -14.07 -1.95 14.43
C VAL A 370 -15.44 -1.29 14.54
N VAL A 371 -16.31 -1.84 15.39
CA VAL A 371 -17.67 -1.31 15.49
C VAL A 371 -17.68 0.05 16.16
N ARG A 372 -16.80 0.26 17.14
CA ARG A 372 -16.77 1.55 17.84
C ARG A 372 -16.35 2.68 16.91
N HIS A 373 -15.48 2.40 15.94
CA HIS A 373 -14.92 3.43 15.08
C HIS A 373 -15.65 3.57 13.75
N GLN A 374 -16.73 2.82 13.53
CA GLN A 374 -17.53 3.04 12.34
C GLN A 374 -18.14 4.44 12.39
N ARG A 375 -18.07 5.14 11.27
CA ARG A 375 -18.50 6.53 11.23
C ARG A 375 -20.01 6.63 11.12
N PRO A 376 -20.56 7.82 11.39
CA PRO A 376 -22.03 7.95 11.41
C PRO A 376 -22.68 7.62 10.07
N ASP A 377 -21.97 7.74 8.97
CA ASP A 377 -22.49 7.42 7.65
C ASP A 377 -22.20 5.98 7.24
N GLY A 378 -21.67 5.17 8.15
CA GLY A 378 -21.42 3.76 7.87
C GLY A 378 -20.06 3.44 7.31
N THR A 379 -19.20 4.43 7.07
CA THR A 379 -17.90 4.20 6.49
C THR A 379 -16.84 4.06 7.58
N PHE A 380 -15.59 3.86 7.17
CA PHE A 380 -14.54 3.61 8.14
C PHE A 380 -13.32 4.51 7.92
N GLU A 381 -12.42 4.15 7.01
CA GLU A 381 -11.18 4.92 6.91
C GLU A 381 -10.55 4.79 5.53
N ARG A 382 -9.73 5.78 5.20
CA ARG A 382 -8.84 5.77 4.04
C ARG A 382 -7.41 5.78 4.57
N SER A 383 -6.74 4.62 4.54
CA SER A 383 -5.34 4.54 4.95
C SER A 383 -4.53 4.13 3.75
N TRP A 384 -4.05 2.89 3.65
CA TRP A 384 -3.16 2.49 2.56
C TRP A 384 -3.87 2.42 1.22
N SER A 385 -5.20 2.53 1.18
CA SER A 385 -5.95 2.64 -0.06
C SER A 385 -6.71 3.96 -0.07
N ARG A 386 -6.77 4.60 -1.22
CA ARG A 386 -7.37 5.93 -1.36
C ARG A 386 -8.87 5.89 -1.59
N ASN A 387 -9.48 4.72 -1.57
CA ASN A 387 -10.92 4.58 -1.71
C ASN A 387 -11.53 4.11 -0.39
N ALA A 388 -12.81 4.41 -0.22
CA ALA A 388 -13.48 4.05 1.02
C ALA A 388 -13.85 2.57 1.05
N THR A 389 -13.99 1.94 -0.13
CA THR A 389 -14.44 0.56 -0.19
C THR A 389 -13.45 -0.40 0.46
N ASN A 390 -12.16 -0.07 0.43
CA ASN A 390 -11.17 -0.99 1.00
C ASN A 390 -11.46 -1.30 2.46
N ALA A 391 -11.58 -0.27 3.29
CA ALA A 391 -11.85 -0.51 4.71
C ALA A 391 -13.24 -1.10 4.93
N VAL A 392 -14.20 -0.76 4.06
CA VAL A 392 -15.53 -1.35 4.17
C VAL A 392 -15.45 -2.86 4.01
N PHE A 393 -14.69 -3.34 3.01
CA PHE A 393 -14.65 -4.76 2.76
C PHE A 393 -13.90 -5.50 3.85
N ARG A 394 -12.81 -4.92 4.37
CA ARG A 394 -12.14 -5.53 5.50
C ARG A 394 -13.08 -5.64 6.69
N ALA A 395 -13.76 -4.54 7.02
CA ALA A 395 -14.67 -4.53 8.18
C ALA A 395 -15.79 -5.54 8.01
N VAL A 396 -16.39 -5.60 6.81
CA VAL A 396 -17.54 -6.48 6.61
C VAL A 396 -17.14 -7.94 6.74
N LEU A 397 -15.96 -8.30 6.22
CA LEU A 397 -15.49 -9.68 6.37
C LEU A 397 -15.36 -10.04 7.84
N ALA A 398 -14.71 -9.18 8.63
CA ALA A 398 -14.57 -9.45 10.05
C ALA A 398 -15.93 -9.46 10.76
N LEU A 399 -16.77 -8.47 10.44
CA LEU A 399 -18.07 -8.36 11.09
C LEU A 399 -18.96 -9.57 10.81
N THR A 400 -18.79 -10.22 9.66
CA THR A 400 -19.63 -11.34 9.25
C THR A 400 -18.90 -12.66 9.18
N GLY A 401 -17.57 -12.67 9.24
CA GLY A 401 -16.81 -13.91 9.18
C GLY A 401 -16.57 -14.53 10.54
N VAL A 402 -16.36 -13.69 11.55
CA VAL A 402 -16.15 -14.16 12.91
C VAL A 402 -17.51 -14.46 13.52
N ALA A 403 -17.80 -15.74 13.76
CA ALA A 403 -19.11 -16.13 14.27
C ALA A 403 -19.35 -15.49 15.63
N ALA A 404 -20.58 -15.03 15.83
CA ALA A 404 -21.00 -14.44 17.10
C ALA A 404 -22.45 -14.81 17.35
N HIS A 405 -22.90 -14.63 18.58
CA HIS A 405 -24.26 -15.01 18.95
C HIS A 405 -24.79 -14.07 20.01
N GLY A 406 -26.11 -13.94 20.04
CA GLY A 406 -26.74 -13.05 20.99
C GLY A 406 -26.52 -11.58 20.63
N GLU A 407 -26.39 -10.76 21.67
CA GLU A 407 -26.24 -9.32 21.48
C GLU A 407 -25.14 -9.00 20.48
N GLU A 408 -24.02 -9.70 20.55
CA GLU A 408 -22.90 -9.39 19.66
C GLU A 408 -23.25 -9.66 18.20
N ARG A 409 -23.91 -10.78 17.92
CA ARG A 409 -24.32 -11.06 16.54
C ARG A 409 -25.18 -9.93 15.99
N ARG A 410 -26.09 -9.41 16.81
CA ARG A 410 -26.94 -8.32 16.35
C ARG A 410 -26.15 -7.01 16.20
N SER A 411 -25.23 -6.75 17.13
CA SER A 411 -24.40 -5.55 17.03
C SER A 411 -23.58 -5.55 15.76
N ARG A 412 -22.94 -6.69 15.45
CA ARG A 412 -22.09 -6.77 14.27
C ARG A 412 -22.91 -6.75 12.99
N ALA A 413 -24.05 -7.45 12.97
CA ALA A 413 -24.91 -7.43 11.79
C ALA A 413 -25.35 -6.01 11.46
N ARG A 414 -25.65 -5.21 12.48
CA ARG A 414 -26.07 -3.83 12.23
C ARG A 414 -24.93 -3.01 11.62
N ALA A 415 -23.72 -3.13 12.20
CA ALA A 415 -22.57 -2.43 11.65
C ALA A 415 -22.31 -2.85 10.21
N ALA A 416 -22.44 -4.14 9.92
CA ALA A 416 -22.23 -4.61 8.55
C ALA A 416 -23.32 -4.07 7.63
N GLU A 417 -24.56 -3.99 8.11
CA GLU A 417 -25.64 -3.49 7.27
C GLU A 417 -25.40 -2.03 6.89
N ARG A 418 -25.01 -1.20 7.87
CA ARG A 418 -24.73 0.21 7.57
C ARG A 418 -23.61 0.34 6.55
N ALA A 419 -22.59 -0.53 6.63
CA ALA A 419 -21.48 -0.45 5.69
C ALA A 419 -21.92 -0.82 4.28
N LEU A 420 -22.56 -1.98 4.12
CA LEU A 420 -23.09 -2.36 2.81
C LEU A 420 -24.08 -1.33 2.30
N ALA A 421 -24.87 -0.73 3.19
CA ALA A 421 -25.82 0.30 2.76
C ALA A 421 -25.08 1.53 2.24
N HIS A 422 -23.95 1.89 2.85
CA HIS A 422 -23.17 3.01 2.30
C HIS A 422 -22.69 2.68 0.90
N LEU A 423 -22.33 1.42 0.66
CA LEU A 423 -21.95 1.03 -0.69
C LEU A 423 -23.10 1.23 -1.66
N ALA A 424 -24.30 0.79 -1.26
CA ALA A 424 -25.46 0.94 -2.14
C ALA A 424 -25.80 2.41 -2.36
N ALA A 425 -25.61 3.24 -1.34
CA ALA A 425 -25.96 4.65 -1.47
C ALA A 425 -25.08 5.36 -2.50
N THR A 426 -23.81 4.96 -2.60
CA THR A 426 -22.83 5.67 -3.40
C THR A 426 -22.51 4.98 -4.73
N GLN A 427 -23.16 3.87 -5.03
CA GLN A 427 -22.90 3.17 -6.28
C GLN A 427 -23.20 4.07 -7.47
N ASN A 428 -22.35 4.00 -8.50
CA ASN A 428 -22.52 4.80 -9.70
C ASN A 428 -23.43 4.10 -10.69
N GLY A 429 -24.00 4.89 -11.60
CA GLY A 429 -24.92 4.34 -12.58
C GLY A 429 -24.37 3.13 -13.30
N ASP A 430 -23.09 3.16 -13.65
CA ASP A 430 -22.51 2.04 -14.38
C ASP A 430 -22.34 0.79 -13.52
N GLY A 431 -22.66 0.86 -12.23
CA GLY A 431 -22.62 -0.28 -11.35
C GLY A 431 -21.36 -0.39 -10.50
N GLY A 432 -20.38 0.48 -10.70
CA GLY A 432 -19.13 0.44 -9.98
C GLY A 432 -19.01 1.55 -8.95
N TRP A 433 -17.85 1.55 -8.28
CA TRP A 433 -17.48 2.56 -7.31
C TRP A 433 -16.12 3.14 -7.67
N GLY A 434 -15.95 4.44 -7.43
CA GLY A 434 -14.67 5.10 -7.61
C GLY A 434 -13.96 5.29 -6.28
N HIS A 435 -12.88 6.08 -6.32
CA HIS A 435 -12.13 6.36 -5.11
C HIS A 435 -12.97 7.09 -4.08
N ALA A 436 -13.89 7.94 -4.53
CA ALA A 436 -14.78 8.68 -3.66
C ALA A 436 -16.15 8.78 -4.31
N GLU A 437 -17.15 9.13 -3.50
CA GLU A 437 -18.54 8.96 -3.91
C GLU A 437 -18.83 9.57 -5.28
N ALA A 438 -18.15 10.65 -5.65
CA ALA A 438 -18.41 11.33 -6.91
C ALA A 438 -17.30 11.11 -7.95
N GLU A 439 -16.46 10.06 -7.76
CA GLU A 439 -15.43 9.72 -8.73
C GLU A 439 -15.95 8.68 -9.72
N PRO A 440 -15.39 8.64 -10.92
CA PRO A 440 -15.80 7.59 -11.88
C PRO A 440 -15.34 6.21 -11.42
N SER A 441 -16.14 5.22 -11.78
CA SER A 441 -15.88 3.85 -11.33
C SER A 441 -14.53 3.36 -11.83
N ASP A 442 -13.93 2.47 -11.06
CA ASP A 442 -12.71 1.78 -11.44
C ASP A 442 -12.76 0.36 -10.90
N PRO A 443 -12.13 -0.60 -11.60
CA PRO A 443 -12.29 -2.02 -11.22
C PRO A 443 -11.79 -2.37 -9.83
N ILE A 444 -10.78 -1.70 -9.30
CA ILE A 444 -10.27 -2.07 -7.99
C ILE A 444 -11.24 -1.62 -6.89
N SER A 445 -11.63 -0.35 -6.91
CA SER A 445 -12.61 0.12 -5.95
C SER A 445 -13.89 -0.71 -6.00
N THR A 446 -14.26 -1.19 -7.19
CA THR A 446 -15.46 -2.01 -7.33
C THR A 446 -15.23 -3.40 -6.76
N ALA A 447 -14.04 -3.98 -6.96
CA ALA A 447 -13.75 -5.30 -6.43
C ALA A 447 -13.89 -5.33 -4.90
N TYR A 448 -13.31 -4.33 -4.23
CA TYR A 448 -13.47 -4.22 -2.79
C TYR A 448 -14.95 -4.23 -2.41
N ALA A 449 -15.74 -3.39 -3.08
CA ALA A 449 -17.18 -3.35 -2.82
C ALA A 449 -17.81 -4.72 -2.98
N VAL A 450 -17.47 -5.42 -4.08
CA VAL A 450 -18.11 -6.71 -4.36
C VAL A 450 -17.83 -7.71 -3.25
N ILE A 451 -16.58 -7.78 -2.79
CA ILE A 451 -16.23 -8.70 -1.71
C ILE A 451 -17.12 -8.45 -0.49
N ALA A 452 -17.38 -7.18 -0.18
CA ALA A 452 -18.24 -6.86 0.96
C ALA A 452 -19.69 -7.22 0.66
N LEU A 453 -20.19 -6.80 -0.51
CA LEU A 453 -21.58 -7.09 -0.86
C LEU A 453 -21.84 -8.59 -0.93
N ALA A 454 -20.84 -9.38 -1.31
CA ALA A 454 -21.00 -10.82 -1.36
C ALA A 454 -21.28 -11.43 0.00
N ARG A 455 -21.24 -10.64 1.07
CA ARG A 455 -21.62 -11.08 2.41
C ARG A 455 -23.02 -10.66 2.80
N GLY A 456 -23.69 -9.88 1.96
CA GLY A 456 -25.05 -9.47 2.20
C GLY A 456 -26.03 -10.47 1.63
N PRO A 457 -27.24 -10.02 1.30
CA PRO A 457 -28.23 -10.93 0.73
C PRO A 457 -27.79 -11.45 -0.63
N ARG A 458 -28.34 -12.59 -1.02
CA ARG A 458 -28.05 -13.16 -2.33
C ARG A 458 -28.38 -12.16 -3.43
N ALA A 459 -27.60 -12.19 -4.50
CA ALA A 459 -27.81 -11.26 -5.59
C ALA A 459 -29.17 -11.49 -6.24
N ARG A 460 -29.93 -10.41 -6.37
CA ARG A 460 -31.17 -10.30 -7.10
C ARG A 460 -30.96 -9.47 -8.36
N PRO A 461 -31.71 -9.73 -9.43
CA PRO A 461 -31.58 -8.90 -10.64
C PRO A 461 -31.72 -7.43 -10.30
N GLY A 462 -30.88 -6.61 -10.93
CA GLY A 462 -30.87 -5.18 -10.67
C GLY A 462 -30.37 -4.77 -9.29
N GLY A 463 -30.02 -5.73 -8.43
CA GLY A 463 -29.52 -5.43 -7.12
C GLY A 463 -28.12 -4.85 -7.15
N PRO A 464 -27.68 -4.25 -6.04
CA PRO A 464 -26.35 -3.61 -6.04
C PRO A 464 -25.22 -4.56 -6.40
N LEU A 465 -25.18 -5.74 -5.79
CA LEU A 465 -24.14 -6.72 -6.11
C LEU A 465 -24.25 -7.20 -7.54
N ASP A 466 -25.48 -7.45 -8.02
CA ASP A 466 -25.66 -7.89 -9.40
C ASP A 466 -25.10 -6.85 -10.37
N ARG A 467 -25.46 -5.58 -10.19
CA ARG A 467 -24.94 -4.54 -11.05
C ARG A 467 -23.42 -4.45 -10.97
N ALA A 468 -22.86 -4.71 -9.79
CA ALA A 468 -21.41 -4.65 -9.63
C ALA A 468 -20.72 -5.73 -10.44
N LEU A 469 -21.25 -6.96 -10.41
CA LEU A 469 -20.65 -8.03 -11.19
C LEU A 469 -20.68 -7.72 -12.67
N ALA A 470 -21.82 -7.26 -13.18
CA ALA A 470 -21.92 -6.88 -14.58
C ALA A 470 -20.87 -5.84 -14.94
N TYR A 471 -20.69 -4.84 -14.07
CA TYR A 471 -19.65 -3.84 -14.31
C TYR A 471 -18.30 -4.51 -14.55
N LEU A 472 -17.93 -5.44 -13.66
CA LEU A 472 -16.65 -6.13 -13.82
C LEU A 472 -16.61 -6.94 -15.11
N VAL A 473 -17.74 -7.53 -15.49
CA VAL A 473 -17.79 -8.31 -16.72
C VAL A 473 -17.51 -7.42 -17.93
N GLU A 474 -18.19 -6.27 -18.00
CA GLU A 474 -18.01 -5.38 -19.14
C GLU A 474 -16.59 -4.81 -19.21
N ARG A 475 -15.94 -4.60 -18.08
CA ARG A 475 -14.62 -3.98 -18.05
C ARG A 475 -13.49 -4.97 -18.24
N GLN A 476 -13.77 -6.21 -18.59
CA GLN A 476 -12.71 -7.18 -18.80
C GLN A 476 -12.10 -7.00 -20.20
N HIS A 477 -10.78 -7.03 -20.25
CA HIS A 477 -9.96 -6.83 -21.43
C HIS A 477 -9.93 -8.10 -22.29
N PRO A 478 -9.84 -7.96 -23.61
CA PRO A 478 -9.76 -9.16 -24.45
C PRO A 478 -8.66 -10.14 -24.04
N ASP A 479 -7.60 -9.67 -23.40
CA ASP A 479 -6.56 -10.59 -22.94
C ASP A 479 -6.91 -11.22 -21.59
N GLY A 480 -8.12 -10.97 -21.08
CA GLY A 480 -8.62 -11.60 -19.88
C GLY A 480 -8.40 -10.80 -18.60
N GLY A 481 -7.66 -9.70 -18.67
CA GLY A 481 -7.28 -8.94 -17.49
C GLY A 481 -7.99 -7.62 -17.36
N TYR A 482 -7.49 -6.82 -16.41
CA TYR A 482 -8.08 -5.53 -16.08
C TYR A 482 -7.00 -4.47 -16.00
N ARG A 483 -7.33 -3.27 -16.45
CA ARG A 483 -6.46 -2.09 -16.33
C ARG A 483 -7.21 -1.06 -15.50
N SER A 484 -6.70 -0.78 -14.31
CA SER A 484 -7.42 0.06 -13.37
C SER A 484 -6.53 1.17 -12.84
N ARG A 485 -7.15 2.34 -12.64
CA ARG A 485 -6.59 3.41 -11.84
C ARG A 485 -6.07 2.82 -10.54
N PRO A 486 -4.87 3.18 -10.10
CA PRO A 486 -4.32 2.57 -8.88
C PRO A 486 -5.03 3.08 -7.64
N ASP A 487 -4.89 2.31 -6.56
CA ASP A 487 -5.49 2.65 -5.28
C ASP A 487 -4.50 2.70 -4.13
N GLN A 488 -3.27 2.24 -4.33
CA GLN A 488 -2.30 2.16 -3.25
C GLN A 488 -1.70 3.53 -2.96
N ALA A 489 -1.54 3.84 -1.67
CA ALA A 489 -0.97 5.11 -1.23
C ALA A 489 0.31 4.86 -0.45
N GLY A 490 1.29 5.74 -0.65
CA GLY A 490 2.56 5.63 0.03
C GLY A 490 3.62 6.54 -0.55
N PRO A 491 4.08 7.51 0.24
CA PRO A 491 3.50 7.80 1.55
C PRO A 491 2.11 8.40 1.39
N ARG A 492 1.22 8.11 2.33
CA ARG A 492 -0.15 8.56 2.20
C ARG A 492 -0.20 10.09 2.20
N PRO A 493 -1.05 10.71 1.35
CA PRO A 493 -2.02 10.00 0.51
C PRO A 493 -1.57 9.76 -0.93
N LEU A 494 -0.26 9.77 -1.18
CA LEU A 494 0.24 9.74 -2.55
C LEU A 494 0.03 8.37 -3.18
N LEU A 495 -0.55 8.35 -4.38
CA LEU A 495 -0.81 7.11 -5.09
C LEU A 495 0.46 6.62 -5.78
N TYR A 496 0.61 5.29 -5.80
CA TYR A 496 1.60 4.63 -6.65
C TYR A 496 0.90 3.43 -7.30
N ASP A 497 1.47 2.96 -8.41
CA ASP A 497 0.76 2.08 -9.33
C ASP A 497 1.49 0.75 -9.46
N VAL A 498 0.91 -0.30 -8.89
CA VAL A 498 1.36 -1.68 -9.10
C VAL A 498 0.33 -2.37 -9.98
N PRO A 499 0.54 -2.40 -11.31
CA PRO A 499 -0.55 -2.84 -12.21
C PRO A 499 -1.06 -4.24 -11.93
N ALA A 500 -0.20 -5.15 -11.45
CA ALA A 500 -0.62 -6.53 -11.29
C ALA A 500 -1.70 -6.71 -10.24
N LEU A 501 -1.89 -5.71 -9.37
CA LEU A 501 -2.90 -5.83 -8.31
C LEU A 501 -4.31 -5.86 -8.88
N ALA A 502 -4.54 -5.22 -10.02
CA ALA A 502 -5.89 -5.13 -10.57
C ALA A 502 -6.49 -6.51 -10.79
N ASP A 503 -5.83 -7.33 -11.60
CA ASP A 503 -6.30 -8.69 -11.85
C ASP A 503 -6.53 -9.44 -10.55
N VAL A 504 -5.59 -9.33 -9.60
CA VAL A 504 -5.65 -10.11 -8.37
C VAL A 504 -6.91 -9.75 -7.57
N PHE A 505 -7.11 -8.47 -7.32
CA PHE A 505 -8.24 -8.05 -6.48
C PHE A 505 -9.57 -8.31 -7.16
N VAL A 506 -9.64 -8.16 -8.49
CA VAL A 506 -10.88 -8.51 -9.19
C VAL A 506 -11.13 -10.01 -9.08
N LEU A 507 -10.09 -10.83 -9.26
CA LEU A 507 -10.25 -12.27 -9.08
C LEU A 507 -10.64 -12.60 -7.65
N LEU A 508 -10.07 -11.90 -6.68
CA LEU A 508 -10.49 -12.08 -5.30
C LEU A 508 -11.98 -11.78 -5.15
N ALA A 509 -12.45 -10.72 -5.81
CA ALA A 509 -13.86 -10.37 -5.73
C ALA A 509 -14.74 -11.43 -6.36
N LEU A 510 -14.37 -11.86 -7.57
CA LEU A 510 -15.17 -12.86 -8.29
C LEU A 510 -15.18 -14.20 -7.57
N ALA A 511 -14.13 -14.49 -6.80
CA ALA A 511 -14.06 -15.75 -6.07
C ALA A 511 -14.93 -15.74 -4.83
N HIS A 512 -15.01 -14.59 -4.16
CA HIS A 512 -15.95 -14.46 -3.04
C HIS A 512 -17.40 -14.48 -3.54
N ALA A 513 -17.65 -13.85 -4.69
CA ALA A 513 -19.02 -13.59 -5.14
C ALA A 513 -19.64 -14.77 -5.87
N THR A 514 -18.84 -15.70 -6.38
CA THR A 514 -19.37 -16.81 -7.16
C THR A 514 -19.18 -18.15 -6.45
#